data_5T6A
#
_entry.id   5T6A
#
_cell.length_a   47.757
_cell.length_b   72.175
_cell.length_c   66.142
_cell.angle_alpha   90.00
_cell.angle_beta   97.61
_cell.angle_gamma   90.00
#
_symmetry.space_group_name_H-M   'P 1 21 1'
#
loop_
_entity.id
_entity.type
_entity.pdbx_description
1 polymer 'Calmodulin-domain protein kinase 1'
2 non-polymer 4-(3-chloro-4-fluorophenyl)-5-(1,5-naphthyridin-2-yl)-1,3-thiazol-2-amine
3 water water
#
_entity_poly.entity_id   1
_entity_poly.type   'polypeptide(L)'
_entity_poly.pdbx_seq_one_letter_code
;MHHHHHHSSGRENLYFQGMGQQESTLGGAAGEPRSRGHAAGTSGGPGDHLHATPGMFVQHSTAIFSDRYKGQRVLGKGSF
GEVILCKDKITGQECAVKVISKRQVKQKTDKESLLREVQLLKQLDHPNIMKLYEFFEDKGYFYLVGEVYTGGELFDEIIS
RKRFSEVDAARIIRQVLSGITYMHKNKIVHRDLKPENLLLESKSKDANIRIIDFGLSTHFEASKKMKDKIGTAYYIAPEV
LHGTYDEKCDVWSTGVILYILLSGCPPFNGANEYDILKKVEKGKYTFELPQWKKVSESAKDLIRKMLTYVPSMRISARDA
LDHEWIQTYTKEQISVDVPSLDNAILNIRQFQGTQKLAQAALLYMGSKLTSQDETKELTAIFHKMDKNGDGQLDRAELIE
GYKELMRMKGQDASMLDASAVEHEVDQVLDAVDFDKNGYIEYSEFVTVAMDRKTLLSRERLERAFRMFDSDNSGKISSTE
LATIFGVSDVDSETWKSVLSEVDKNNDGEVDFDEFQQMLLKLCGN
;
_entity_poly.pdbx_strand_id   A
#
# COMPACT_ATOMS: atom_id res chain seq x y z
N ALA A 63 -17.82 -13.36 -21.25
CA ALA A 63 -16.85 -14.14 -20.49
C ALA A 63 -17.00 -13.87 -19.00
N ILE A 64 -17.11 -14.93 -18.17
CA ILE A 64 -17.28 -14.82 -16.71
C ILE A 64 -15.96 -15.25 -16.02
N PHE A 65 -15.53 -14.45 -15.05
CA PHE A 65 -14.28 -14.64 -14.29
C PHE A 65 -14.26 -15.96 -13.52
N SER A 66 -15.31 -16.24 -12.74
CA SER A 66 -15.44 -17.44 -11.91
C SER A 66 -15.48 -18.73 -12.75
N ASP A 67 -15.87 -18.63 -14.04
CA ASP A 67 -15.86 -19.76 -14.96
C ASP A 67 -14.43 -20.12 -15.37
N ARG A 68 -13.44 -19.22 -15.15
CA ARG A 68 -12.05 -19.44 -15.53
C ARG A 68 -11.09 -19.56 -14.33
N TYR A 69 -11.25 -18.71 -13.30
CA TYR A 69 -10.35 -18.65 -12.15
C TYR A 69 -11.02 -18.98 -10.82
N LYS A 70 -10.25 -19.59 -9.90
CA LYS A 70 -10.67 -19.84 -8.52
C LYS A 70 -9.68 -19.11 -7.57
N GLY A 71 -10.18 -18.49 -6.50
CA GLY A 71 -9.31 -17.85 -5.52
C GLY A 71 -8.57 -18.87 -4.67
N GLN A 72 -7.28 -18.61 -4.38
CA GLN A 72 -6.42 -19.47 -3.56
C GLN A 72 -6.20 -18.85 -2.18
N ARG A 73 -5.68 -17.62 -2.17
N ARG A 73 -5.68 -17.62 -2.17
CA ARG A 73 -5.39 -16.89 -0.94
CA ARG A 73 -5.40 -16.89 -0.93
C ARG A 73 -5.24 -15.40 -1.23
C ARG A 73 -5.23 -15.40 -1.22
N VAL A 74 -5.35 -14.58 -0.18
CA VAL A 74 -5.21 -13.12 -0.31
C VAL A 74 -3.72 -12.77 -0.43
N LEU A 75 -3.41 -11.78 -1.26
CA LEU A 75 -2.04 -11.28 -1.49
C LEU A 75 -1.81 -9.90 -0.84
N GLY A 76 -2.87 -9.13 -0.63
CA GLY A 76 -2.77 -7.81 -0.03
C GLY A 76 -3.82 -6.85 -0.52
N LYS A 77 -3.68 -5.59 -0.09
CA LYS A 77 -4.58 -4.51 -0.44
C LYS A 77 -3.93 -3.69 -1.54
N GLY A 78 -4.67 -3.47 -2.63
CA GLY A 78 -4.22 -2.67 -3.75
C GLY A 78 -4.98 -1.37 -3.84
N SER A 79 -4.57 -0.49 -4.77
CA SER A 79 -5.23 0.79 -4.97
C SER A 79 -6.45 0.47 -5.81
N PHE A 80 -7.66 0.94 -5.37
CA PHE A 80 -8.97 0.74 -5.99
C PHE A 80 -9.61 -0.63 -5.65
N GLY A 81 -8.91 -1.55 -4.98
CA GLY A 81 -9.50 -2.85 -4.66
C GLY A 81 -8.59 -3.86 -4.00
N GLU A 82 -9.16 -5.03 -3.63
CA GLU A 82 -8.44 -6.13 -2.98
C GLU A 82 -7.71 -6.99 -4.02
N VAL A 83 -6.53 -7.53 -3.67
CA VAL A 83 -5.71 -8.38 -4.55
C VAL A 83 -5.72 -9.82 -4.02
N ILE A 84 -6.21 -10.76 -4.85
CA ILE A 84 -6.33 -12.18 -4.54
C ILE A 84 -5.44 -12.99 -5.48
N LEU A 85 -4.76 -14.03 -4.93
CA LEU A 85 -3.97 -14.97 -5.72
C LEU A 85 -5.01 -15.96 -6.21
N CYS A 86 -5.10 -16.11 -7.53
CA CYS A 86 -6.05 -16.98 -8.20
C CYS A 86 -5.32 -17.98 -9.06
N LYS A 87 -6.04 -19.05 -9.45
CA LYS A 87 -5.54 -20.15 -10.26
C LYS A 87 -6.49 -20.45 -11.41
N ASP A 88 -5.98 -20.51 -12.63
CA ASP A 88 -6.78 -20.89 -13.81
C ASP A 88 -7.24 -22.33 -13.58
N LYS A 89 -8.57 -22.59 -13.72
CA LYS A 89 -9.17 -23.92 -13.44
C LYS A 89 -8.71 -25.04 -14.41
N ILE A 90 -8.15 -24.70 -15.59
CA ILE A 90 -7.71 -25.69 -16.58
C ILE A 90 -6.18 -25.82 -16.62
N THR A 91 -5.45 -24.72 -16.80
CA THR A 91 -4.00 -24.74 -16.98
C THR A 91 -3.19 -24.67 -15.69
N GLY A 92 -3.83 -24.31 -14.57
CA GLY A 92 -3.15 -24.19 -13.29
C GLY A 92 -2.29 -22.96 -13.11
N GLN A 93 -2.27 -22.04 -14.09
CA GLN A 93 -1.49 -20.81 -14.05
C GLN A 93 -1.95 -19.95 -12.88
N GLU A 94 -1.00 -19.52 -12.02
CA GLU A 94 -1.28 -18.63 -10.90
C GLU A 94 -1.32 -17.23 -11.42
N CYS A 95 -2.27 -16.40 -10.92
CA CYS A 95 -2.43 -15.02 -11.33
C CYS A 95 -2.78 -14.11 -10.12
N ALA A 96 -2.34 -12.85 -10.15
CA ALA A 96 -2.74 -11.85 -9.16
C ALA A 96 -3.98 -11.17 -9.77
N VAL A 97 -5.10 -11.18 -9.05
CA VAL A 97 -6.36 -10.59 -9.53
C VAL A 97 -6.75 -9.44 -8.62
N LYS A 98 -6.96 -8.24 -9.19
CA LYS A 98 -7.43 -7.10 -8.39
C LYS A 98 -8.91 -6.95 -8.65
N VAL A 99 -9.70 -6.97 -7.57
CA VAL A 99 -11.16 -6.89 -7.62
C VAL A 99 -11.57 -5.45 -7.25
N ILE A 100 -12.02 -4.66 -8.25
CA ILE A 100 -12.45 -3.28 -8.04
C ILE A 100 -13.97 -3.29 -7.91
N SER A 101 -14.51 -2.88 -6.74
CA SER A 101 -15.96 -2.79 -6.51
C SER A 101 -16.46 -1.51 -7.16
N LYS A 102 -17.41 -1.63 -8.10
CA LYS A 102 -17.97 -0.49 -8.85
C LYS A 102 -18.68 0.54 -7.94
N ARG A 103 -19.26 0.08 -6.81
CA ARG A 103 -19.99 0.97 -5.89
C ARG A 103 -19.06 1.83 -5.01
N GLN A 104 -17.84 1.35 -4.72
CA GLN A 104 -16.89 2.06 -3.83
C GLN A 104 -15.73 2.74 -4.58
N VAL A 105 -15.70 2.75 -5.93
CA VAL A 105 -14.60 3.36 -6.68
C VAL A 105 -15.11 4.47 -7.63
N LYS A 106 -16.01 4.14 -8.59
CA LYS A 106 -16.56 5.09 -9.59
C LYS A 106 -15.56 5.31 -10.74
N GLN A 107 -16.08 5.58 -11.95
CA GLN A 107 -15.29 5.75 -13.17
C GLN A 107 -15.25 7.21 -13.59
N LYS A 108 -14.04 7.75 -13.88
CA LYS A 108 -13.89 9.15 -14.27
C LYS A 108 -13.90 9.32 -15.82
N THR A 109 -14.04 8.22 -16.59
CA THR A 109 -14.11 8.24 -18.06
C THR A 109 -15.31 7.41 -18.56
N ASP A 110 -15.56 7.46 -19.88
CA ASP A 110 -16.59 6.64 -20.52
C ASP A 110 -16.09 5.19 -20.63
N LYS A 111 -17.02 4.21 -20.63
CA LYS A 111 -16.72 2.76 -20.71
C LYS A 111 -15.89 2.41 -21.96
N GLU A 112 -16.11 3.11 -23.07
CA GLU A 112 -15.38 2.88 -24.31
C GLU A 112 -13.88 3.24 -24.15
N SER A 113 -13.58 4.33 -23.41
CA SER A 113 -12.20 4.77 -23.16
C SER A 113 -11.45 3.75 -22.31
N LEU A 114 -12.11 3.18 -21.28
CA LEU A 114 -11.52 2.15 -20.40
C LEU A 114 -11.14 0.89 -21.20
N LEU A 115 -12.06 0.38 -22.03
CA LEU A 115 -11.84 -0.81 -22.86
C LEU A 115 -10.65 -0.61 -23.79
N ARG A 116 -10.53 0.57 -24.38
CA ARG A 116 -9.42 0.93 -25.28
C ARG A 116 -8.07 0.92 -24.55
N GLU A 117 -8.03 1.50 -23.35
CA GLU A 117 -6.80 1.54 -22.54
C GLU A 117 -6.39 0.13 -22.12
N VAL A 118 -7.34 -0.67 -21.64
CA VAL A 118 -7.06 -2.06 -21.23
C VAL A 118 -6.48 -2.87 -22.41
N GLN A 119 -7.08 -2.74 -23.60
CA GLN A 119 -6.64 -3.48 -24.79
C GLN A 119 -5.19 -3.08 -25.13
N LEU A 120 -4.86 -1.79 -25.06
CA LEU A 120 -3.48 -1.32 -25.30
C LEU A 120 -2.55 -1.89 -24.23
N LEU A 121 -2.92 -1.77 -22.94
CA LEU A 121 -2.11 -2.28 -21.81
C LEU A 121 -1.82 -3.76 -21.94
N LYS A 122 -2.77 -4.58 -22.39
CA LYS A 122 -2.57 -6.01 -22.57
C LYS A 122 -1.48 -6.34 -23.61
N GLN A 123 -1.29 -5.45 -24.62
CA GLN A 123 -0.33 -5.66 -25.71
C GLN A 123 1.08 -5.12 -25.40
N LEU A 124 1.22 -4.29 -24.36
CA LEU A 124 2.53 -3.74 -24.02
C LEU A 124 3.34 -4.74 -23.20
N ASP A 125 4.66 -4.71 -23.35
CA ASP A 125 5.59 -5.63 -22.69
C ASP A 125 6.94 -4.96 -22.39
N HIS A 126 7.29 -4.87 -21.08
CA HIS A 126 8.55 -4.33 -20.62
C HIS A 126 8.97 -5.08 -19.37
N PRO A 127 10.27 -5.40 -19.17
CA PRO A 127 10.66 -6.15 -17.97
C PRO A 127 10.40 -5.42 -16.63
N ASN A 128 10.19 -4.08 -16.62
CA ASN A 128 9.92 -3.38 -15.36
C ASN A 128 8.47 -2.90 -15.24
N ILE A 129 7.57 -3.47 -16.03
CA ILE A 129 6.16 -3.11 -16.00
C ILE A 129 5.40 -4.38 -15.73
N MET A 130 4.42 -4.35 -14.83
CA MET A 130 3.58 -5.52 -14.56
C MET A 130 2.88 -5.97 -15.83
N LYS A 131 2.74 -7.27 -15.98
CA LYS A 131 2.04 -7.82 -17.13
C LYS A 131 0.54 -8.02 -16.80
N LEU A 132 -0.34 -7.43 -17.64
CA LEU A 132 -1.79 -7.56 -17.52
C LEU A 132 -2.24 -8.61 -18.54
N TYR A 133 -2.94 -9.63 -18.08
CA TYR A 133 -3.37 -10.74 -18.93
C TYR A 133 -4.80 -10.59 -19.37
N GLU A 134 -5.70 -10.30 -18.43
CA GLU A 134 -7.13 -10.27 -18.71
C GLU A 134 -7.83 -9.18 -17.93
N PHE A 135 -9.06 -8.92 -18.33
CA PHE A 135 -9.95 -7.96 -17.72
C PHE A 135 -11.37 -8.51 -17.86
N PHE A 136 -12.09 -8.62 -16.76
CA PHE A 136 -13.48 -9.08 -16.74
C PHE A 136 -14.31 -8.03 -16.06
N GLU A 137 -15.62 -8.08 -16.28
CA GLU A 137 -16.55 -7.18 -15.61
C GLU A 137 -17.92 -7.84 -15.47
N ASP A 138 -18.54 -7.71 -14.28
CA ASP A 138 -19.89 -8.21 -14.00
C ASP A 138 -20.69 -7.02 -13.46
N LYS A 139 -21.95 -7.21 -13.04
CA LYS A 139 -22.78 -6.08 -12.58
C LYS A 139 -22.15 -5.30 -11.40
N GLY A 140 -21.43 -5.96 -10.50
CA GLY A 140 -20.86 -5.34 -9.32
C GLY A 140 -19.36 -5.14 -9.22
N TYR A 141 -18.54 -5.71 -10.15
CA TYR A 141 -17.08 -5.61 -10.01
C TYR A 141 -16.33 -5.62 -11.34
N PHE A 142 -15.09 -5.13 -11.31
CA PHE A 142 -14.13 -5.19 -12.41
C PHE A 142 -13.01 -6.13 -11.92
N TYR A 143 -12.49 -7.00 -12.78
CA TYR A 143 -11.39 -7.90 -12.39
C TYR A 143 -10.17 -7.66 -13.27
N LEU A 144 -9.06 -7.19 -12.68
CA LEU A 144 -7.81 -7.00 -13.42
C LEU A 144 -6.89 -8.20 -13.13
N VAL A 145 -6.68 -9.07 -14.11
CA VAL A 145 -5.88 -10.28 -13.95
C VAL A 145 -4.48 -10.08 -14.53
N GLY A 146 -3.46 -10.27 -13.70
CA GLY A 146 -2.07 -10.13 -14.12
C GLY A 146 -1.14 -11.10 -13.45
N GLU A 147 0.16 -10.91 -13.70
CA GLU A 147 1.24 -11.76 -13.22
C GLU A 147 1.53 -11.56 -11.74
N VAL A 148 1.90 -12.66 -11.03
CA VAL A 148 2.25 -12.70 -9.61
C VAL A 148 3.73 -12.37 -9.45
N TYR A 149 4.07 -11.36 -8.61
CA TYR A 149 5.46 -11.03 -8.27
C TYR A 149 5.65 -11.28 -6.77
N THR A 150 6.36 -12.34 -6.40
CA THR A 150 6.51 -12.85 -5.03
C THR A 150 7.66 -12.22 -4.17
N GLY A 151 8.45 -11.29 -4.71
CA GLY A 151 9.54 -10.66 -3.96
C GLY A 151 9.17 -9.58 -2.95
N GLY A 152 7.89 -9.25 -2.82
CA GLY A 152 7.45 -8.24 -1.88
C GLY A 152 7.65 -6.82 -2.38
N GLU A 153 7.39 -5.83 -1.52
CA GLU A 153 7.55 -4.42 -1.85
C GLU A 153 9.02 -4.06 -1.77
N LEU A 154 9.45 -3.12 -2.62
CA LEU A 154 10.85 -2.76 -2.72
C LEU A 154 11.43 -2.29 -1.38
N PHE A 155 10.77 -1.35 -0.69
CA PHE A 155 11.30 -0.80 0.57
C PHE A 155 11.39 -1.86 1.65
N ASP A 156 10.48 -2.88 1.64
CA ASP A 156 10.52 -3.96 2.63
C ASP A 156 11.77 -4.82 2.42
N GLU A 157 12.33 -4.83 1.19
CA GLU A 157 13.55 -5.54 0.91
C GLU A 157 14.74 -4.65 1.33
N ILE A 158 14.71 -3.36 1.00
CA ILE A 158 15.80 -2.41 1.36
C ILE A 158 15.99 -2.34 2.89
N ILE A 159 14.90 -2.37 3.69
CA ILE A 159 15.04 -2.24 5.15
C ILE A 159 15.75 -3.47 5.77
N SER A 160 15.72 -4.64 5.11
CA SER A 160 16.41 -5.83 5.58
C SER A 160 17.94 -5.83 5.29
N ARG A 161 18.43 -4.93 4.41
N ARG A 161 18.43 -4.93 4.41
CA ARG A 161 19.85 -4.88 4.05
CA ARG A 161 19.85 -4.87 4.06
C ARG A 161 20.69 -4.26 5.16
C ARG A 161 20.69 -4.27 5.18
N LYS A 162 21.95 -4.71 5.29
CA LYS A 162 22.90 -4.17 6.30
C LYS A 162 23.69 -3.00 5.68
N ARG A 163 23.85 -2.98 4.33
CA ARG A 163 24.56 -1.95 3.60
C ARG A 163 23.76 -1.50 2.34
N PHE A 164 23.83 -0.20 2.04
CA PHE A 164 23.16 0.42 0.88
C PHE A 164 23.97 1.63 0.41
N SER A 165 24.29 1.70 -0.88
CA SER A 165 25.09 2.77 -1.48
C SER A 165 24.37 3.45 -2.66
N GLU A 166 25.02 4.46 -3.28
CA GLU A 166 24.50 5.14 -4.46
C GLU A 166 24.39 4.20 -5.66
N VAL A 167 25.21 3.13 -5.71
CA VAL A 167 25.14 2.14 -6.80
C VAL A 167 23.84 1.36 -6.65
N ASP A 168 23.51 0.95 -5.42
CA ASP A 168 22.26 0.25 -5.15
C ASP A 168 21.07 1.15 -5.49
N ALA A 169 21.10 2.43 -5.08
CA ALA A 169 20.07 3.41 -5.41
C ALA A 169 19.95 3.64 -6.92
N ALA A 170 21.08 3.79 -7.64
CA ALA A 170 21.03 4.04 -9.09
C ALA A 170 20.50 2.82 -9.84
N ARG A 171 20.87 1.60 -9.41
CA ARG A 171 20.41 0.38 -10.05
C ARG A 171 18.90 0.27 -9.93
N ILE A 172 18.35 0.67 -8.76
CA ILE A 172 16.90 0.70 -8.53
C ILE A 172 16.26 1.73 -9.43
N ILE A 173 16.74 2.98 -9.40
CA ILE A 173 16.11 4.08 -10.16
C ILE A 173 16.26 3.87 -11.67
N ARG A 174 17.31 3.17 -12.15
CA ARG A 174 17.44 2.92 -13.59
C ARG A 174 16.30 2.01 -14.06
N GLN A 175 15.95 0.96 -13.25
CA GLN A 175 14.84 0.05 -13.56
C GLN A 175 13.47 0.80 -13.59
N VAL A 176 13.24 1.69 -12.64
CA VAL A 176 11.98 2.43 -12.56
C VAL A 176 11.89 3.37 -13.78
N LEU A 177 12.99 4.05 -14.10
CA LEU A 177 13.05 4.98 -15.22
C LEU A 177 12.94 4.29 -16.57
N SER A 178 13.38 3.00 -16.65
CA SER A 178 13.26 2.22 -17.89
C SER A 178 11.79 1.88 -18.11
N GLY A 179 11.13 1.40 -17.06
CA GLY A 179 9.70 1.13 -17.12
C GLY A 179 8.93 2.37 -17.54
N ILE A 180 9.16 3.49 -16.86
CA ILE A 180 8.47 4.76 -17.14
C ILE A 180 8.72 5.23 -18.60
N THR A 181 9.98 5.24 -19.08
CA THR A 181 10.32 5.71 -20.43
C THR A 181 9.51 4.92 -21.47
N TYR A 182 9.39 3.60 -21.26
CA TYR A 182 8.65 2.74 -22.17
C TYR A 182 7.15 3.10 -22.23
N MET A 183 6.52 3.27 -21.06
CA MET A 183 5.10 3.58 -20.97
C MET A 183 4.76 4.96 -21.52
N HIS A 184 5.64 5.96 -21.33
CA HIS A 184 5.44 7.31 -21.86
C HIS A 184 5.53 7.33 -23.40
N LYS A 185 6.35 6.46 -24.01
CA LYS A 185 6.39 6.34 -25.48
C LYS A 185 5.03 5.87 -25.99
N ASN A 186 4.33 5.05 -25.17
CA ASN A 186 3.01 4.50 -25.50
C ASN A 186 1.86 5.37 -24.93
N LYS A 187 2.14 6.62 -24.54
CA LYS A 187 1.20 7.66 -24.08
C LYS A 187 0.42 7.22 -22.82
N ILE A 188 1.03 6.42 -21.96
CA ILE A 188 0.38 6.01 -20.71
C ILE A 188 1.08 6.76 -19.56
N VAL A 189 0.29 7.35 -18.68
CA VAL A 189 0.72 8.09 -17.50
C VAL A 189 0.32 7.24 -16.31
N HIS A 190 1.19 7.15 -15.30
CA HIS A 190 0.89 6.46 -14.05
C HIS A 190 0.14 7.43 -13.12
N ARG A 191 0.77 8.54 -12.69
CA ARG A 191 0.24 9.54 -11.75
C ARG A 191 0.37 9.12 -10.27
N ASP A 192 0.22 7.84 -9.93
CA ASP A 192 0.25 7.39 -8.53
C ASP A 192 1.46 6.53 -8.27
N LEU A 193 2.61 6.90 -8.86
CA LEU A 193 3.85 6.17 -8.64
C LEU A 193 4.34 6.41 -7.21
N LYS A 194 4.57 5.32 -6.47
CA LYS A 194 4.94 5.34 -5.07
C LYS A 194 5.59 3.99 -4.73
N PRO A 195 6.37 3.92 -3.62
CA PRO A 195 7.07 2.67 -3.25
C PRO A 195 6.17 1.44 -3.25
N GLU A 196 4.93 1.55 -2.75
CA GLU A 196 3.99 0.41 -2.70
C GLU A 196 3.68 -0.17 -4.08
N ASN A 197 3.82 0.64 -5.17
CA ASN A 197 3.60 0.19 -6.53
C ASN A 197 4.87 -0.33 -7.17
N LEU A 198 5.94 -0.61 -6.38
CA LEU A 198 7.20 -1.17 -6.90
C LEU A 198 7.40 -2.53 -6.24
N LEU A 199 7.02 -3.62 -6.94
CA LEU A 199 7.15 -4.97 -6.44
C LEU A 199 8.39 -5.64 -7.03
N LEU A 200 8.98 -6.58 -6.28
CA LEU A 200 10.15 -7.30 -6.75
C LEU A 200 9.74 -8.70 -7.23
N GLU A 201 10.45 -9.23 -8.23
CA GLU A 201 10.23 -10.59 -8.73
C GLU A 201 10.77 -11.60 -7.71
N SER A 202 11.79 -11.17 -6.91
CA SER A 202 12.40 -11.96 -5.83
C SER A 202 12.80 -11.03 -4.66
N LYS A 203 12.75 -11.55 -3.41
CA LYS A 203 13.10 -10.77 -2.22
C LYS A 203 14.62 -10.88 -2.02
N SER A 204 15.35 -10.15 -2.85
CA SER A 204 16.80 -10.14 -2.86
C SER A 204 17.33 -8.89 -3.55
N LYS A 205 18.62 -8.62 -3.38
CA LYS A 205 19.26 -7.48 -4.05
C LYS A 205 19.39 -7.81 -5.54
N ASP A 206 19.44 -6.78 -6.40
CA ASP A 206 19.56 -6.92 -7.86
C ASP A 206 18.38 -7.73 -8.50
N ALA A 207 17.21 -7.80 -7.81
CA ALA A 207 16.04 -8.48 -8.34
C ALA A 207 15.35 -7.51 -9.26
N ASN A 208 14.56 -8.00 -10.24
CA ASN A 208 13.86 -7.08 -11.14
C ASN A 208 12.68 -6.42 -10.44
N ILE A 209 12.51 -5.10 -10.67
CA ILE A 209 11.43 -4.27 -10.12
C ILE A 209 10.35 -4.18 -11.16
N ARG A 210 9.11 -4.45 -10.77
CA ARG A 210 7.95 -4.30 -11.65
C ARG A 210 7.10 -3.15 -11.14
N ILE A 211 6.75 -2.20 -12.02
CA ILE A 211 5.85 -1.09 -11.68
C ILE A 211 4.43 -1.63 -11.86
N ILE A 212 3.63 -1.49 -10.83
CA ILE A 212 2.23 -1.92 -10.79
C ILE A 212 1.36 -0.72 -11.01
N ASP A 213 0.16 -0.93 -11.59
CA ASP A 213 -0.94 0.02 -11.82
C ASP A 213 -0.66 1.12 -12.84
N PHE A 214 0.30 0.92 -13.72
CA PHE A 214 0.55 1.94 -14.76
C PHE A 214 -0.64 2.00 -15.75
N GLY A 215 -1.50 3.02 -15.64
CA GLY A 215 -2.65 3.21 -16.53
C GLY A 215 -4.04 3.26 -15.91
N LEU A 216 -4.23 2.84 -14.65
CA LEU A 216 -5.55 2.83 -13.96
C LEU A 216 -6.08 4.22 -13.52
N SER A 217 -5.19 5.10 -13.03
CA SER A 217 -5.55 6.40 -12.50
C SER A 217 -6.44 7.21 -13.49
N THR A 218 -6.10 7.19 -14.78
CA THR A 218 -6.88 7.87 -15.82
C THR A 218 -8.37 7.41 -15.86
N HIS A 219 -8.71 6.20 -15.31
CA HIS A 219 -10.07 5.64 -15.40
C HIS A 219 -10.78 5.36 -14.05
N PHE A 220 -10.08 5.38 -12.90
CA PHE A 220 -10.74 5.14 -11.61
C PHE A 220 -10.52 6.32 -10.65
N GLU A 221 -11.55 6.63 -9.82
CA GLU A 221 -11.49 7.73 -8.87
C GLU A 221 -10.96 7.20 -7.53
N ALA A 222 -9.93 7.84 -6.98
CA ALA A 222 -9.32 7.45 -5.71
C ALA A 222 -10.21 7.90 -4.55
N LYS A 224 -10.93 8.57 -0.92
CA LYS A 224 -10.57 9.28 0.31
C LYS A 224 -10.99 8.45 1.53
N LYS A 225 -10.52 7.18 1.58
CA LYS A 225 -10.87 6.23 2.65
C LYS A 225 -9.82 6.17 3.79
N MET A 226 -8.83 7.11 3.86
CA MET A 226 -7.77 7.22 4.89
C MET A 226 -6.79 6.01 4.84
N LYS A 227 -7.28 4.75 4.98
CA LYS A 227 -6.49 3.53 4.85
C LYS A 227 -5.96 3.36 3.40
N ASP A 228 -6.63 3.98 2.40
CA ASP A 228 -6.21 3.95 1.00
C ASP A 228 -5.26 5.14 0.70
N LYS A 229 -5.56 6.34 1.25
CA LYS A 229 -4.78 7.56 1.06
C LYS A 229 -3.38 7.54 1.74
N ILE A 230 -3.19 6.78 2.83
CA ILE A 230 -1.93 6.75 3.60
C ILE A 230 -0.73 6.40 2.69
N GLY A 231 0.33 7.19 2.84
CA GLY A 231 1.57 7.03 2.09
C GLY A 231 1.53 7.51 0.66
N THR A 232 0.61 8.42 0.31
CA THR A 232 0.49 8.88 -1.10
C THR A 232 0.91 10.34 -1.29
N ALA A 233 0.78 11.21 -0.26
CA ALA A 233 1.02 12.64 -0.36
C ALA A 233 2.49 12.96 -0.59
N TYR A 234 3.41 12.12 -0.13
CA TYR A 234 4.83 12.38 -0.33
C TYR A 234 5.23 12.46 -1.79
N TYR A 235 4.57 11.65 -2.66
CA TYR A 235 5.02 11.41 -4.05
C TYR A 235 4.25 12.14 -5.14
N ILE A 236 3.07 12.69 -4.84
CA ILE A 236 2.21 13.32 -5.85
C ILE A 236 2.90 14.59 -6.43
N ALA A 237 2.85 14.78 -7.77
CA ALA A 237 3.41 15.98 -8.39
C ALA A 237 2.53 17.19 -8.05
N PRO A 238 3.11 18.39 -7.84
CA PRO A 238 2.29 19.55 -7.48
C PRO A 238 1.19 19.88 -8.50
N GLU A 239 1.44 19.66 -9.80
CA GLU A 239 0.48 19.95 -10.85
C GLU A 239 -0.69 18.96 -10.83
N VAL A 240 -0.49 17.75 -10.31
CA VAL A 240 -1.61 16.79 -10.17
C VAL A 240 -2.59 17.40 -9.16
N LEU A 241 -2.10 18.00 -8.08
CA LEU A 241 -2.97 18.63 -7.07
C LEU A 241 -3.85 19.71 -7.69
N HIS A 242 -3.29 20.51 -8.61
CA HIS A 242 -3.99 21.63 -9.21
C HIS A 242 -4.83 21.24 -10.46
N GLY A 243 -4.66 20.01 -10.99
CA GLY A 243 -5.51 19.47 -12.05
C GLY A 243 -4.96 19.30 -13.45
N THR A 244 -3.90 20.04 -13.81
CA THR A 244 -3.33 19.97 -15.15
C THR A 244 -2.04 19.25 -15.07
N TYR A 245 -2.01 18.03 -15.61
CA TYR A 245 -0.82 17.22 -15.52
C TYR A 245 -0.70 16.37 -16.75
N ASP A 246 0.53 15.99 -17.05
CA ASP A 246 0.88 15.14 -18.19
C ASP A 246 1.86 14.08 -17.66
N GLU A 247 2.53 13.35 -18.55
CA GLU A 247 3.48 12.29 -18.18
C GLU A 247 4.67 12.80 -17.31
N LYS A 248 5.00 14.12 -17.32
CA LYS A 248 6.09 14.60 -16.43
C LYS A 248 5.84 14.37 -14.93
N CYS A 249 4.58 14.17 -14.50
CA CYS A 249 4.27 13.94 -13.08
C CYS A 249 4.94 12.63 -12.61
N ASP A 250 5.22 11.67 -13.52
CA ASP A 250 5.85 10.40 -13.13
C ASP A 250 7.36 10.60 -12.86
N VAL A 251 7.97 11.61 -13.50
CA VAL A 251 9.39 11.94 -13.26
C VAL A 251 9.51 12.54 -11.86
N TRP A 252 8.64 13.50 -11.50
CA TRP A 252 8.60 14.06 -10.16
C TRP A 252 8.55 12.97 -9.06
N SER A 253 7.59 12.05 -9.14
CA SER A 253 7.43 10.98 -8.13
C SER A 253 8.70 10.11 -8.02
N THR A 254 9.37 9.87 -9.15
CA THR A 254 10.61 9.08 -9.17
C THR A 254 11.71 9.88 -8.51
N GLY A 255 11.71 11.20 -8.71
CA GLY A 255 12.64 12.11 -8.03
C GLY A 255 12.45 12.08 -6.52
N VAL A 256 11.18 12.02 -6.06
CA VAL A 256 10.88 11.90 -4.64
C VAL A 256 11.41 10.55 -4.10
N ILE A 257 11.18 9.45 -4.85
CA ILE A 257 11.63 8.13 -4.42
C ILE A 257 13.16 8.11 -4.32
N LEU A 258 13.85 8.71 -5.29
CA LEU A 258 15.32 8.79 -5.29
C LEU A 258 15.84 9.58 -4.07
N TYR A 259 15.14 10.67 -3.72
CA TYR A 259 15.53 11.49 -2.59
C TYR A 259 15.46 10.63 -1.29
N ILE A 260 14.43 9.79 -1.14
CA ILE A 260 14.24 8.91 0.00
C ILE A 260 15.32 7.80 -0.01
N LEU A 261 15.65 7.24 -1.18
CA LEU A 261 16.66 6.17 -1.24
C LEU A 261 18.03 6.64 -0.76
N LEU A 262 18.40 7.88 -1.07
CA LEU A 262 19.72 8.42 -0.73
C LEU A 262 19.81 9.10 0.66
N SER A 263 18.69 9.52 1.27
CA SER A 263 18.64 10.19 2.58
C SER A 263 17.80 9.45 3.67
N GLY A 264 16.85 8.62 3.22
CA GLY A 264 15.89 7.94 4.07
C GLY A 264 14.73 8.80 4.55
N CYS A 265 14.68 10.08 4.12
CA CYS A 265 13.66 11.04 4.52
C CYS A 265 12.94 11.60 3.29
N PRO A 266 11.60 11.76 3.32
CA PRO A 266 10.92 12.43 2.19
C PRO A 266 11.37 13.88 2.02
N PRO A 267 11.54 14.35 0.79
CA PRO A 267 11.83 15.77 0.57
C PRO A 267 10.70 16.71 1.05
N PHE A 268 9.42 16.28 0.93
CA PHE A 268 8.26 17.08 1.37
C PHE A 268 7.64 16.33 2.52
N ASN A 269 7.70 16.88 3.72
CA ASN A 269 7.20 16.20 4.91
C ASN A 269 6.35 17.10 5.78
N GLY A 270 5.66 16.50 6.72
CA GLY A 270 4.77 17.21 7.63
C GLY A 270 4.14 16.28 8.64
N ALA A 271 3.49 16.89 9.65
CA ALA A 271 2.84 16.17 10.76
C ALA A 271 1.57 15.43 10.32
N ASN A 272 1.01 15.76 9.16
CA ASN A 272 -0.21 15.14 8.67
C ASN A 272 -0.33 15.32 7.15
N GLU A 273 -1.35 14.70 6.53
CA GLU A 273 -1.58 14.71 5.08
C GLU A 273 -1.55 16.11 4.49
N TYR A 274 -2.36 17.03 5.05
CA TYR A 274 -2.45 18.38 4.53
C TYR A 274 -1.13 19.13 4.67
N ASP A 275 -0.37 18.91 5.76
CA ASP A 275 0.92 19.60 5.92
C ASP A 275 1.94 19.12 4.88
N ILE A 276 1.90 17.83 4.50
CA ILE A 276 2.78 17.31 3.45
C ILE A 276 2.37 17.98 2.09
N LEU A 277 1.07 17.96 1.77
CA LEU A 277 0.56 18.55 0.53
C LEU A 277 0.89 20.07 0.42
N LYS A 278 0.91 20.81 1.53
CA LYS A 278 1.29 22.23 1.53
C LYS A 278 2.74 22.39 1.07
N LYS A 279 3.63 21.53 1.61
CA LYS A 279 5.03 21.57 1.23
C LYS A 279 5.19 21.17 -0.24
N VAL A 280 4.46 20.14 -0.68
CA VAL A 280 4.54 19.72 -2.09
C VAL A 280 4.07 20.87 -3.01
N GLU A 281 2.92 21.48 -2.71
CA GLU A 281 2.35 22.59 -3.50
C GLU A 281 3.38 23.76 -3.63
N LYS A 282 4.11 24.11 -2.55
CA LYS A 282 5.12 25.19 -2.62
C LYS A 282 6.34 24.67 -3.39
N GLY A 283 6.61 23.37 -3.29
CA GLY A 283 7.66 22.71 -4.06
C GLY A 283 9.08 23.01 -3.65
N LYS A 284 9.28 23.57 -2.46
CA LYS A 284 10.62 23.92 -1.97
C LYS A 284 11.12 22.79 -1.09
N TYR A 285 12.36 22.41 -1.25
CA TYR A 285 12.98 21.36 -0.45
C TYR A 285 14.46 21.67 -0.38
N THR A 286 15.23 20.92 0.43
CA THR A 286 16.68 21.20 0.57
C THR A 286 17.45 19.94 0.72
N PHE A 287 18.76 20.01 0.52
CA PHE A 287 19.72 18.92 0.76
C PHE A 287 20.48 19.27 2.06
N GLU A 288 19.85 20.00 3.00
CA GLU A 288 20.51 20.50 4.20
C GLU A 288 20.27 19.57 5.39
N LEU A 289 20.71 18.31 5.24
CA LEU A 289 20.67 17.32 6.32
C LEU A 289 22.05 16.66 6.33
N PRO A 290 22.56 16.24 7.51
CA PRO A 290 23.94 15.72 7.58
C PRO A 290 24.22 14.57 6.62
N GLN A 291 23.25 13.67 6.43
CA GLN A 291 23.38 12.52 5.53
C GLN A 291 23.64 12.95 4.05
N TRP A 292 23.19 14.14 3.60
CA TRP A 292 23.42 14.57 2.21
C TRP A 292 24.91 14.90 1.96
N LYS A 293 25.72 15.14 3.02
CA LYS A 293 27.15 15.44 2.85
C LYS A 293 27.90 14.24 2.24
N LYS A 294 27.43 13.01 2.52
CA LYS A 294 28.04 11.76 2.02
C LYS A 294 27.48 11.30 0.64
N VAL A 295 26.75 12.18 -0.10
CA VAL A 295 26.17 11.87 -1.41
C VAL A 295 26.80 12.75 -2.49
N SER A 296 27.01 12.20 -3.70
CA SER A 296 27.65 12.92 -4.80
C SER A 296 26.77 14.04 -5.35
N GLU A 297 27.42 15.07 -5.93
CA GLU A 297 26.72 16.21 -6.51
C GLU A 297 25.93 15.82 -7.77
N SER A 298 26.41 14.79 -8.51
CA SER A 298 25.70 14.31 -9.69
C SER A 298 24.31 13.77 -9.30
N ALA A 299 24.20 13.05 -8.17
CA ALA A 299 22.90 12.54 -7.68
C ALA A 299 22.01 13.70 -7.32
N LYS A 300 22.57 14.69 -6.61
CA LYS A 300 21.82 15.90 -6.23
C LYS A 300 21.34 16.66 -7.48
N ASP A 301 22.21 16.75 -8.52
CA ASP A 301 21.86 17.42 -9.80
C ASP A 301 20.71 16.73 -10.52
N LEU A 302 20.67 15.39 -10.49
CA LEU A 302 19.56 14.66 -11.13
C LEU A 302 18.26 14.94 -10.36
N ILE A 303 18.29 14.90 -9.02
CA ILE A 303 17.12 15.15 -8.18
C ILE A 303 16.56 16.54 -8.48
N ARG A 304 17.43 17.54 -8.66
CA ARG A 304 17.03 18.91 -8.98
C ARG A 304 16.29 18.99 -10.31
N LYS A 305 16.76 18.24 -11.31
CA LYS A 305 16.11 18.20 -12.62
C LYS A 305 14.78 17.45 -12.54
N MET A 306 14.71 16.40 -11.72
CA MET A 306 13.51 15.58 -11.56
C MET A 306 12.47 16.32 -10.71
N LEU A 307 12.90 17.08 -9.69
CA LEU A 307 11.99 17.86 -8.84
C LEU A 307 11.93 19.34 -9.28
N THR A 308 11.97 19.62 -10.62
CA THR A 308 11.80 20.97 -11.16
C THR A 308 10.28 21.23 -11.13
N TYR A 309 9.87 22.37 -10.57
CA TYR A 309 8.47 22.71 -10.37
C TYR A 309 7.66 22.77 -11.67
N VAL A 310 8.06 23.59 -12.64
CA VAL A 310 7.29 23.76 -13.89
C VAL A 310 7.48 22.51 -14.76
N PRO A 311 6.40 21.75 -15.07
CA PRO A 311 6.57 20.47 -15.77
C PRO A 311 7.29 20.56 -17.13
N SER A 312 7.07 21.63 -17.92
CA SER A 312 7.75 21.78 -19.21
C SER A 312 9.30 21.91 -19.04
N MET A 313 9.77 22.43 -17.89
N MET A 313 9.76 22.43 -17.89
CA MET A 313 11.18 22.60 -17.58
CA MET A 313 12.70 23.01 -17.15
CA MET A 313 11.19 22.57 -17.59
C MET A 313 11.77 21.33 -16.90
C MET A 313 11.78 21.32 -16.93
N ARG A 314 10.91 20.42 -16.41
CA ARG A 314 11.35 19.19 -15.78
C ARG A 314 11.91 18.22 -16.82
N ILE A 315 12.95 17.52 -16.45
CA ILE A 315 13.59 16.54 -17.30
C ILE A 315 12.62 15.39 -17.63
N SER A 316 12.77 14.80 -18.80
CA SER A 316 11.96 13.66 -19.22
C SER A 316 12.53 12.40 -18.61
N ALA A 317 11.77 11.31 -18.64
CA ALA A 317 12.22 10.05 -18.09
C ALA A 317 13.40 9.52 -18.94
N ARG A 318 13.33 9.70 -20.28
CA ARG A 318 14.38 9.26 -21.22
C ARG A 318 15.68 9.98 -20.91
N ASP A 319 15.62 11.32 -20.77
CA ASP A 319 16.77 12.16 -20.43
C ASP A 319 17.31 11.85 -19.02
N ALA A 320 16.50 11.30 -18.10
CA ALA A 320 16.98 10.91 -16.77
C ALA A 320 17.83 9.64 -16.87
N LEU A 321 17.46 8.67 -17.76
CA LEU A 321 18.29 7.48 -18.02
C LEU A 321 19.64 7.85 -18.60
N ASP A 322 19.68 8.88 -19.46
CA ASP A 322 20.92 9.35 -20.09
C ASP A 322 21.70 10.36 -19.19
N HIS A 323 21.24 10.62 -17.93
CA HIS A 323 21.97 11.48 -17.00
C HIS A 323 23.27 10.79 -16.57
N GLU A 324 24.34 11.58 -16.35
CA GLU A 324 25.66 11.07 -15.95
C GLU A 324 25.59 10.21 -14.67
N TRP A 325 24.69 10.54 -13.71
CA TRP A 325 24.56 9.77 -12.47
C TRP A 325 24.15 8.32 -12.75
N ILE A 326 23.11 8.13 -13.56
CA ILE A 326 22.63 6.79 -13.92
C ILE A 326 23.71 6.04 -14.71
N GLN A 327 24.27 6.69 -15.77
CA GLN A 327 25.28 6.07 -16.63
C GLN A 327 26.60 5.74 -15.87
N THR A 328 26.94 6.50 -14.80
CA THR A 328 28.18 6.28 -14.03
C THR A 328 27.99 5.19 -12.96
N TYR A 329 26.96 5.32 -12.12
CA TYR A 329 26.74 4.44 -10.98
C TYR A 329 26.04 3.10 -11.34
N THR A 330 25.66 2.82 -12.63
CA THR A 330 25.03 1.52 -12.96
C THR A 330 25.91 0.70 -13.93
N LYS A 331 27.25 0.88 -13.84
CA LYS A 331 28.18 0.14 -14.71
C LYS A 331 28.41 -1.26 -14.16
N PRO A 339 30.70 3.02 -0.68
CA PRO A 339 30.41 3.82 0.51
C PRO A 339 28.97 3.60 0.97
N SER A 340 28.80 3.03 2.17
CA SER A 340 27.47 2.74 2.71
C SER A 340 26.82 4.01 3.25
N LEU A 341 25.53 4.19 2.97
CA LEU A 341 24.72 5.30 3.42
C LEU A 341 24.01 4.80 4.67
N ASP A 342 24.76 4.65 5.76
CA ASP A 342 24.25 4.09 7.01
C ASP A 342 23.10 4.93 7.58
N ASN A 343 23.24 6.27 7.60
CA ASN A 343 22.17 7.15 8.10
C ASN A 343 20.90 7.00 7.26
N ALA A 344 21.03 6.85 5.93
CA ALA A 344 19.87 6.68 5.04
C ALA A 344 19.14 5.36 5.32
N ILE A 345 19.89 4.27 5.55
CA ILE A 345 19.28 2.96 5.86
C ILE A 345 18.54 3.09 7.22
N LEU A 346 19.16 3.72 8.23
CA LEU A 346 18.53 3.93 9.54
C LEU A 346 17.22 4.74 9.40
N ASN A 347 17.25 5.81 8.58
CA ASN A 347 16.06 6.64 8.37
C ASN A 347 14.98 5.94 7.56
N ILE A 348 15.33 5.19 6.50
CA ILE A 348 14.32 4.52 5.69
C ILE A 348 13.59 3.44 6.53
N ARG A 349 14.28 2.75 7.44
CA ARG A 349 13.68 1.75 8.35
C ARG A 349 12.65 2.44 9.24
N GLN A 350 13.03 3.55 9.84
CA GLN A 350 12.10 4.37 10.63
C GLN A 350 10.92 4.82 9.78
N PHE A 351 11.17 5.24 8.52
CA PHE A 351 10.11 5.67 7.61
C PHE A 351 9.18 4.52 7.30
N GLN A 352 9.70 3.37 6.85
CA GLN A 352 8.86 2.23 6.51
C GLN A 352 8.08 1.74 7.74
N GLY A 353 8.73 1.66 8.90
CA GLY A 353 8.11 1.25 10.16
C GLY A 353 6.93 2.11 10.53
N THR A 354 7.10 3.41 10.39
CA THR A 354 6.02 4.37 10.70
C THR A 354 4.85 4.20 9.76
N GLN A 355 5.12 4.10 8.44
CA GLN A 355 4.05 3.93 7.44
C GLN A 355 3.31 2.61 7.69
N LYS A 356 4.07 1.53 7.90
CA LYS A 356 3.48 0.21 8.10
C LYS A 356 2.69 0.14 9.44
N LEU A 357 3.13 0.80 10.52
CA LEU A 357 2.35 0.76 11.77
C LEU A 357 1.06 1.63 11.61
N ALA A 358 1.12 2.79 10.93
CA ALA A 358 -0.11 3.58 10.66
C ALA A 358 -1.12 2.76 9.86
N GLN A 359 -0.66 2.09 8.79
CA GLN A 359 -1.53 1.21 7.96
C GLN A 359 -2.17 0.11 8.77
N ALA A 360 -1.37 -0.59 9.54
CA ALA A 360 -1.82 -1.70 10.38
C ALA A 360 -2.83 -1.23 11.39
N ALA A 361 -2.61 -0.03 11.96
CA ALA A 361 -3.52 0.57 12.94
C ALA A 361 -4.88 0.86 12.30
N LEU A 362 -4.90 1.41 11.06
CA LEU A 362 -6.15 1.67 10.34
C LEU A 362 -6.83 0.36 9.95
N LEU A 363 -6.06 -0.66 9.54
CA LEU A 363 -6.63 -1.97 9.19
C LEU A 363 -7.31 -2.59 10.39
N TYR A 364 -6.64 -2.56 11.57
CA TYR A 364 -7.15 -3.11 12.80
C TYR A 364 -8.48 -2.47 13.16
N MET A 365 -8.55 -1.15 13.10
CA MET A 365 -9.80 -0.44 13.41
C MET A 365 -10.90 -0.80 12.41
N GLY A 366 -10.56 -0.86 11.13
CA GLY A 366 -11.50 -1.25 10.07
C GLY A 366 -12.02 -2.65 10.25
N SER A 367 -11.11 -3.60 10.56
CA SER A 367 -11.46 -5.00 10.82
C SER A 367 -12.31 -5.17 12.06
N LYS A 368 -12.17 -4.30 13.04
CA LYS A 368 -12.96 -4.40 14.27
C LYS A 368 -14.42 -3.95 14.00
N LEU A 369 -14.61 -2.94 13.15
CA LEU A 369 -15.97 -2.48 12.78
C LEU A 369 -16.63 -3.53 11.86
N THR A 370 -15.85 -4.09 10.90
CA THR A 370 -16.34 -5.14 9.98
C THR A 370 -16.78 -6.38 10.78
N SER A 371 -15.97 -6.84 11.74
CA SER A 371 -16.31 -8.00 12.55
C SER A 371 -17.47 -7.71 13.52
N GLN A 372 -17.62 -6.44 13.97
CA GLN A 372 -18.74 -6.07 14.87
C GLN A 372 -20.05 -6.10 14.07
N ASP A 373 -20.03 -5.55 12.83
CA ASP A 373 -21.19 -5.51 11.93
C ASP A 373 -21.60 -6.91 11.48
N GLU A 374 -20.61 -7.76 11.09
CA GLU A 374 -20.85 -9.13 10.64
C GLU A 374 -21.39 -10.01 11.75
N THR A 375 -20.90 -9.88 13.01
CA THR A 375 -21.43 -10.67 14.13
C THR A 375 -22.90 -10.29 14.42
N LYS A 376 -23.28 -9.00 14.23
CA LYS A 376 -24.66 -8.55 14.43
C LYS A 376 -25.57 -9.12 13.33
N GLU A 377 -25.09 -9.15 12.08
CA GLU A 377 -25.82 -9.70 10.94
C GLU A 377 -25.88 -11.24 11.00
N LEU A 378 -24.80 -11.89 11.46
CA LEU A 378 -24.73 -13.36 11.58
C LEU A 378 -25.67 -13.90 12.68
N THR A 379 -25.81 -13.18 13.81
CA THR A 379 -26.68 -13.62 14.91
C THR A 379 -28.18 -13.55 14.48
N ALA A 380 -28.53 -12.60 13.60
CA ALA A 380 -29.90 -12.47 13.09
C ALA A 380 -30.25 -13.60 12.12
N ILE A 381 -29.28 -13.99 11.24
CA ILE A 381 -29.48 -15.06 10.25
C ILE A 381 -29.61 -16.42 10.97
N PHE A 382 -28.73 -16.70 11.96
CA PHE A 382 -28.73 -17.97 12.69
C PHE A 382 -29.92 -18.10 13.66
N HIS A 383 -30.49 -16.96 14.12
CA HIS A 383 -31.66 -16.98 15.00
C HIS A 383 -32.91 -17.33 14.19
N LYS A 384 -33.14 -16.60 13.08
CA LYS A 384 -34.28 -16.83 12.16
C LYS A 384 -34.31 -18.28 11.63
N MET A 385 -33.14 -18.89 11.42
CA MET A 385 -33.04 -20.27 10.92
C MET A 385 -33.33 -21.33 12.03
N ASP A 386 -33.41 -20.93 13.32
CA ASP A 386 -33.71 -21.86 14.41
C ASP A 386 -35.22 -22.05 14.53
N GLY A 389 -36.77 -21.79 18.89
CA GLY A 389 -35.81 -21.18 19.80
C GLY A 389 -35.06 -22.18 20.65
N ASP A 390 -34.65 -23.30 20.06
CA ASP A 390 -33.89 -24.37 20.73
C ASP A 390 -32.51 -23.89 21.25
N GLY A 391 -31.89 -22.94 20.54
CA GLY A 391 -30.58 -22.42 20.89
C GLY A 391 -29.41 -23.24 20.37
N GLN A 392 -29.69 -24.29 19.56
CA GLN A 392 -28.66 -25.17 19.00
C GLN A 392 -28.93 -25.48 17.52
N LEU A 393 -27.85 -25.64 16.71
CA LEU A 393 -27.95 -25.96 15.27
C LEU A 393 -26.84 -26.93 14.84
N ARG A 395 -24.43 -28.04 12.22
CA ARG A 395 -23.37 -28.43 11.27
C ARG A 395 -23.76 -27.99 9.86
N ALA A 396 -24.93 -28.45 9.38
CA ALA A 396 -25.44 -28.13 8.05
C ALA A 396 -26.05 -26.72 8.02
N GLU A 397 -26.85 -26.36 9.05
CA GLU A 397 -27.47 -25.03 9.13
C GLU A 397 -26.39 -23.94 9.39
N LEU A 398 -25.31 -24.27 10.13
CA LEU A 398 -24.22 -23.32 10.39
C LEU A 398 -23.53 -22.97 9.06
N ILE A 399 -23.45 -23.95 8.11
CA ILE A 399 -22.87 -23.77 6.76
C ILE A 399 -23.77 -22.84 5.93
N GLU A 400 -25.09 -23.12 5.88
CA GLU A 400 -26.05 -22.33 5.10
C GLU A 400 -26.05 -20.86 5.53
N GLY A 401 -25.97 -20.61 6.84
CA GLY A 401 -25.94 -19.26 7.39
C GLY A 401 -24.73 -18.46 6.99
N TYR A 402 -23.55 -19.12 6.94
CA TYR A 402 -22.29 -18.46 6.52
C TYR A 402 -22.36 -18.07 5.03
N LYS A 403 -22.93 -18.95 4.17
CA LYS A 403 -23.10 -18.67 2.74
C LYS A 403 -24.15 -17.55 2.51
N GLU A 404 -25.12 -17.39 3.44
CA GLU A 404 -26.13 -16.33 3.36
C GLU A 404 -25.46 -14.96 3.58
N LEU A 405 -24.53 -14.88 4.57
CA LEU A 405 -23.77 -13.67 4.85
C LEU A 405 -22.73 -13.40 3.72
N MET A 406 -22.13 -14.48 3.16
CA MET A 406 -21.16 -14.37 2.06
C MET A 406 -21.91 -14.10 0.76
N VAL A 421 -16.80 -21.39 -2.40
CA VAL A 421 -16.73 -22.84 -2.59
C VAL A 421 -17.29 -23.54 -1.35
N GLU A 422 -18.28 -24.46 -1.54
CA GLU A 422 -18.93 -25.21 -0.46
C GLU A 422 -17.92 -26.06 0.35
N HIS A 423 -16.84 -26.55 -0.32
CA HIS A 423 -15.79 -27.33 0.35
C HIS A 423 -14.99 -26.40 1.28
N GLU A 424 -14.65 -25.19 0.80
CA GLU A 424 -13.93 -24.17 1.59
C GLU A 424 -14.74 -23.72 2.81
N VAL A 425 -16.05 -23.40 2.63
CA VAL A 425 -16.94 -22.96 3.72
C VAL A 425 -17.05 -24.06 4.79
N ASP A 426 -17.21 -25.32 4.37
CA ASP A 426 -17.31 -26.45 5.31
C ASP A 426 -16.05 -26.55 6.18
N GLN A 427 -14.86 -26.39 5.58
CA GLN A 427 -13.57 -26.45 6.30
C GLN A 427 -13.40 -25.28 7.29
N VAL A 428 -13.89 -24.05 6.98
CA VAL A 428 -13.75 -22.90 7.91
C VAL A 428 -14.61 -23.16 9.18
N LEU A 429 -15.76 -23.79 9.01
CA LEU A 429 -16.66 -24.09 10.11
C LEU A 429 -16.19 -25.32 10.88
N ASP A 430 -15.52 -26.27 10.20
CA ASP A 430 -14.96 -27.45 10.88
C ASP A 430 -13.81 -27.03 11.80
N ALA A 431 -13.04 -25.98 11.41
CA ALA A 431 -11.95 -25.44 12.24
C ALA A 431 -12.49 -24.82 13.54
N VAL A 432 -13.71 -24.22 13.49
CA VAL A 432 -14.36 -23.64 14.67
C VAL A 432 -15.06 -24.77 15.45
N ASP A 433 -15.69 -25.73 14.72
CA ASP A 433 -16.42 -26.90 15.22
C ASP A 433 -17.86 -26.50 15.54
N GLU A 441 -24.28 -25.46 20.22
CA GLU A 441 -24.88 -24.16 20.51
C GLU A 441 -24.31 -23.12 19.56
N TYR A 442 -25.18 -22.37 18.84
CA TYR A 442 -24.72 -21.38 17.86
C TYR A 442 -24.08 -20.16 18.55
N SER A 443 -24.45 -19.82 19.80
CA SER A 443 -23.84 -18.68 20.50
C SER A 443 -22.34 -18.95 20.77
N GLU A 444 -22.02 -20.14 21.32
CA GLU A 444 -20.63 -20.55 21.60
C GLU A 444 -19.81 -20.65 20.29
N PHE A 445 -20.45 -21.09 19.18
CA PHE A 445 -19.81 -21.15 17.85
C PHE A 445 -19.50 -19.72 17.38
N VAL A 446 -20.49 -18.80 17.49
CA VAL A 446 -20.31 -17.39 17.10
C VAL A 446 -19.20 -16.73 17.96
N THR A 447 -19.13 -17.09 19.27
CA THR A 447 -18.09 -16.56 20.17
C THR A 447 -16.71 -17.12 19.80
N VAL A 448 -16.61 -18.42 19.46
CA VAL A 448 -15.32 -19.03 19.09
C VAL A 448 -14.86 -18.52 17.70
N ALA A 449 -15.78 -18.39 16.72
CA ALA A 449 -15.43 -17.87 15.38
C ALA A 449 -15.00 -16.40 15.44
N MET A 450 -15.60 -15.60 16.34
CA MET A 450 -15.27 -14.17 16.50
C MET A 450 -13.92 -14.02 17.23
N ASP A 451 -13.74 -14.77 18.34
CA ASP A 451 -12.50 -14.73 19.12
C ASP A 451 -11.30 -15.14 18.25
N ARG A 452 -11.51 -16.07 17.29
CA ARG A 452 -10.45 -16.51 16.37
C ARG A 452 -10.08 -15.38 15.39
N LYS A 453 -11.07 -14.63 14.90
CA LYS A 453 -10.83 -13.48 14.00
C LYS A 453 -10.13 -12.31 14.81
N THR A 454 -10.55 -12.07 16.07
CA THR A 454 -9.99 -11.03 16.95
C THR A 454 -8.49 -11.32 17.25
N LEU A 455 -8.14 -12.58 17.57
CA LEU A 455 -6.76 -12.96 17.86
C LEU A 455 -5.89 -12.73 16.64
N LEU A 456 -6.35 -13.17 15.45
CA LEU A 456 -5.59 -12.96 14.21
C LEU A 456 -5.45 -11.47 13.89
N SER A 457 -6.47 -10.64 14.19
CA SER A 457 -6.38 -9.18 13.96
C SER A 457 -5.32 -8.55 14.90
N ARG A 458 -5.33 -8.95 16.20
CA ARG A 458 -4.35 -8.49 17.21
C ARG A 458 -2.88 -8.86 16.81
N GLU A 459 -2.68 -10.08 16.29
CA GLU A 459 -1.36 -10.57 15.89
C GLU A 459 -0.74 -9.76 14.68
N ARG A 460 -1.55 -9.30 13.70
N ARG A 460 -1.56 -9.31 13.71
CA ARG A 460 -1.06 -8.49 12.56
CA ARG A 460 -1.06 -8.50 12.57
C ARG A 460 -0.60 -7.10 13.04
C ARG A 460 -0.60 -7.12 13.05
N LEU A 461 -1.39 -6.48 13.92
CA LEU A 461 -1.09 -5.18 14.50
C LEU A 461 0.16 -5.30 15.40
N GLU A 462 0.24 -6.36 16.19
CA GLU A 462 1.38 -6.58 17.07
C GLU A 462 2.68 -6.71 16.29
N ARG A 463 2.68 -7.43 15.17
CA ARG A 463 3.89 -7.56 14.36
C ARG A 463 4.38 -6.19 13.91
N ALA A 464 3.45 -5.34 13.44
CA ALA A 464 3.81 -4.01 13.00
C ALA A 464 4.29 -3.15 14.18
N PHE A 465 3.65 -3.24 15.36
CA PHE A 465 4.13 -2.54 16.57
C PHE A 465 5.57 -2.99 16.89
N ARG A 466 5.83 -4.32 16.93
CA ARG A 466 7.16 -4.86 17.25
C ARG A 466 8.21 -4.37 16.28
N MET A 467 7.87 -4.37 14.98
CA MET A 467 8.77 -3.90 13.93
C MET A 467 9.08 -2.40 14.15
N PHE A 468 8.09 -1.57 14.53
CA PHE A 468 8.32 -0.14 14.76
C PHE A 468 9.28 0.10 15.95
N ASP A 469 9.19 -0.76 16.95
CA ASP A 469 9.98 -0.69 18.17
C ASP A 469 11.33 -1.37 17.94
N SER A 470 12.18 -0.72 17.14
CA SER A 470 13.49 -1.20 16.69
C SER A 470 14.51 -1.34 17.83
N ASP A 471 14.34 -0.60 18.94
CA ASP A 471 15.25 -0.72 20.09
C ASP A 471 14.72 -1.77 21.15
N ASN A 472 13.59 -2.48 20.84
CA ASN A 472 12.97 -3.50 21.66
C ASN A 472 12.70 -2.99 23.10
N SER A 473 12.29 -1.73 23.22
CA SER A 473 11.98 -1.10 24.51
C SER A 473 10.60 -1.55 25.04
N GLY A 474 9.75 -2.05 24.14
CA GLY A 474 8.40 -2.47 24.49
C GLY A 474 7.39 -1.33 24.45
N LYS A 475 7.85 -0.10 24.22
CA LYS A 475 6.98 1.07 24.27
C LYS A 475 7.20 2.03 23.14
N ILE A 476 6.19 2.84 22.86
CA ILE A 476 6.29 3.93 21.88
C ILE A 476 5.94 5.24 22.63
N SER A 477 6.75 6.26 22.42
CA SER A 477 6.61 7.53 23.10
C SER A 477 5.47 8.35 22.52
N SER A 478 5.09 9.40 23.27
CA SER A 478 4.05 10.35 22.88
C SER A 478 4.43 11.04 21.59
N THR A 479 5.74 11.30 21.39
CA THR A 479 6.26 11.95 20.18
C THR A 479 6.07 11.02 18.98
N GLU A 480 6.36 9.72 19.16
CA GLU A 480 6.16 8.70 18.13
C GLU A 480 4.64 8.47 17.88
N LEU A 481 3.81 8.49 18.94
CA LEU A 481 2.37 8.40 18.76
C LEU A 481 1.85 9.57 17.90
N ALA A 482 2.35 10.81 18.11
CA ALA A 482 1.96 11.96 17.30
C ALA A 482 2.29 11.73 15.83
N THR A 483 3.44 11.13 15.53
CA THR A 483 3.82 10.87 14.14
C THR A 483 2.90 9.78 13.53
N ILE A 484 2.68 8.70 14.25
CA ILE A 484 1.84 7.58 13.82
C ILE A 484 0.42 8.04 13.56
N PHE A 485 -0.20 8.74 14.53
CA PHE A 485 -1.58 9.23 14.41
C PHE A 485 -1.67 10.38 13.41
N GLY A 486 -0.59 11.07 13.15
CA GLY A 486 -0.54 12.09 12.12
C GLY A 486 -0.66 11.47 10.73
N VAL A 487 0.14 10.42 10.48
CA VAL A 487 0.13 9.67 9.22
C VAL A 487 -1.25 8.95 9.03
N SER A 488 -1.87 8.46 10.12
CA SER A 488 -3.16 7.77 10.04
C SER A 488 -4.37 8.76 10.13
N ASP A 489 -4.13 10.09 10.24
CA ASP A 489 -5.15 11.14 10.26
C ASP A 489 -6.12 11.05 11.47
N VAL A 490 -5.59 10.72 12.65
CA VAL A 490 -6.39 10.70 13.87
C VAL A 490 -6.09 12.03 14.56
N ASP A 491 -7.14 12.80 14.87
CA ASP A 491 -6.99 14.10 15.50
C ASP A 491 -6.19 14.01 16.82
N SER A 492 -5.31 15.02 17.05
CA SER A 492 -4.41 15.13 18.20
C SER A 492 -5.15 15.13 19.55
N GLU A 493 -6.15 16.00 19.72
CA GLU A 493 -6.93 16.08 20.97
C GLU A 493 -7.72 14.81 21.19
N THR A 494 -8.15 14.14 20.11
CA THR A 494 -8.92 12.90 20.21
C THR A 494 -8.01 11.74 20.71
N TRP A 495 -6.82 11.51 20.13
CA TRP A 495 -6.02 10.36 20.61
C TRP A 495 -5.45 10.65 22.01
N LYS A 496 -5.11 11.91 22.33
CA LYS A 496 -4.60 12.26 23.66
C LYS A 496 -5.70 12.06 24.74
N SER A 497 -6.95 12.36 24.41
CA SER A 497 -8.08 12.11 25.31
C SER A 497 -8.24 10.62 25.52
N VAL A 498 -8.21 9.85 24.43
CA VAL A 498 -8.34 8.40 24.49
C VAL A 498 -7.18 7.80 25.30
N LEU A 499 -5.96 8.37 25.15
CA LEU A 499 -4.79 7.88 25.89
C LEU A 499 -4.99 8.06 27.39
N SER A 500 -5.56 9.23 27.79
CA SER A 500 -5.85 9.52 29.21
C SER A 500 -6.89 8.54 29.77
N GLU A 501 -7.89 8.16 28.95
CA GLU A 501 -8.97 7.26 29.37
C GLU A 501 -8.46 5.82 29.55
N VAL A 502 -7.48 5.39 28.74
CA VAL A 502 -6.91 4.04 28.82
C VAL A 502 -6.04 3.93 30.07
N ASP A 503 -5.09 4.87 30.22
CA ASP A 503 -4.18 4.89 31.36
C ASP A 503 -3.96 6.33 31.79
N LYS A 504 -4.54 6.73 32.92
CA LYS A 504 -4.35 8.08 33.46
C LYS A 504 -2.88 8.37 33.81
N ASN A 505 -2.11 7.34 34.26
CA ASN A 505 -0.69 7.49 34.64
C ASN A 505 0.28 7.00 33.58
N ASN A 506 -0.02 7.25 32.30
CA ASN A 506 0.94 7.00 31.24
C ASN A 506 1.96 8.17 31.45
N ASP A 507 3.23 7.93 31.26
CA ASP A 507 4.22 9.00 31.45
C ASP A 507 4.77 9.31 30.09
N GLY A 508 3.88 9.62 29.15
CA GLY A 508 4.25 9.89 27.78
C GLY A 508 4.64 8.66 26.96
N GLU A 509 4.29 7.43 27.41
CA GLU A 509 4.60 6.19 26.66
C GLU A 509 3.43 5.22 26.74
N VAL A 510 3.39 4.26 25.80
CA VAL A 510 2.36 3.23 25.76
C VAL A 510 3.00 1.92 25.34
N ASP A 511 2.65 0.81 25.99
CA ASP A 511 3.11 -0.50 25.54
C ASP A 511 2.12 -0.99 24.47
N PHE A 512 2.29 -2.20 23.94
CA PHE A 512 1.41 -2.70 22.90
C PHE A 512 -0.06 -2.77 23.35
N ASP A 513 -0.30 -3.34 24.54
CA ASP A 513 -1.67 -3.52 25.03
C ASP A 513 -2.41 -2.17 25.16
N GLU A 514 -1.71 -1.13 25.59
CA GLU A 514 -2.29 0.19 25.74
C GLU A 514 -2.54 0.81 24.40
N PHE A 515 -1.59 0.62 23.46
CA PHE A 515 -1.76 1.12 22.10
C PHE A 515 -3.01 0.48 21.47
N GLN A 516 -3.15 -0.85 21.58
CA GLN A 516 -4.30 -1.59 21.05
C GLN A 516 -5.61 -1.06 21.69
N GLN A 517 -5.63 -0.87 23.02
CA GLN A 517 -6.79 -0.31 23.75
C GLN A 517 -7.16 1.07 23.22
N MET A 518 -6.18 1.90 22.88
CA MET A 518 -6.48 3.23 22.33
C MET A 518 -7.17 3.10 20.96
N LEU A 519 -6.68 2.19 20.09
CA LEU A 519 -7.31 1.98 18.76
C LEU A 519 -8.73 1.50 18.90
N LEU A 520 -9.01 0.65 19.91
CA LEU A 520 -10.37 0.17 20.15
C LEU A 520 -11.30 1.33 20.54
N LYS A 521 -10.81 2.27 21.33
CA LYS A 521 -11.61 3.43 21.74
C LYS A 521 -11.79 4.43 20.58
N LEU A 522 -10.87 4.43 19.61
CA LEU A 522 -10.98 5.32 18.47
C LEU A 522 -11.93 4.75 17.38
N CYS A 523 -12.43 3.51 17.51
CA CYS A 523 -13.38 2.96 16.55
C CYS A 523 -14.69 2.56 17.29
N GLY A 524 -15.02 3.30 18.35
CA GLY A 524 -16.23 3.11 19.13
C GLY A 524 -16.29 1.88 20.02
N ASN A 525 -15.16 1.44 20.57
CA ASN A 525 -15.11 0.29 21.48
C ASN A 525 -14.29 0.65 22.74
#